data_8XWF
#
_entry.id   8XWF
#
_cell.length_a   1.00
_cell.length_b   1.00
_cell.length_c   1.00
_cell.angle_alpha   90.00
_cell.angle_beta   90.00
_cell.angle_gamma   90.00
#
_symmetry.space_group_name_H-M   'P 1'
#
loop_
_entity.id
_entity.type
_entity.pdbx_description
1 polymer 'C-X-C motif chemokine 3'
2 polymer 'C-X-C chemokine receptor type 2'
#
loop_
_entity_poly.entity_id
_entity_poly.type
_entity_poly.pdbx_seq_one_letter_code
_entity_poly.pdbx_strand_id
1 'polypeptide(L)' ASVVTELRCQCLQTLQGIHLKNIQSVNVRSPGPHCAQTEVIATLKNGKKACLNPASPMVQKIIEKILNKGSTN E,D
2 'polypeptide(L)'
;MGKTIIALSYIFCLVFADYKDDDDAANFTPVNGSSGNQSVRLVTSSSLEVLFQGPGSEDFNMESDSFEDFWKGEDLSNYS
YSSTLPPFLLDAAPCEPESLEINKYFVVIIYALVFLLSLLGNSLVMLVILYSRVGRSVTDVYLLNLALADLLFALTLPIW
AASKVNGWIFGTFLCKVVSLLKEVNFYSGILLLACISVDRYLAIVHATRTLTQKRYLVKFICLSIWGLSLLLALPVLLFR
RTVYSSNVSPACYEDMGNNTANWRMLLRILPQSFGFIVPLLIMLFCYGFTLRTLFKAHMGQKHRAMRVIFAVVLIFLLCW
LPYNLVLLADTLMRTQVIQETCERRNHIDRALDATEILGILHSCLNPLIYAFIGQKFRHGLLKILAIHGLISKDSLPKDS
RPSFVGSSSGHTSTTL
;
R
#
# COMPACT_ATOMS: atom_id res chain seq x y z
N GLY A 17 34.49 -10.05 -9.58
CA GLY A 17 34.06 -11.30 -8.91
C GLY A 17 32.87 -11.07 -7.98
N ILE A 18 31.76 -10.63 -8.56
CA ILE A 18 30.57 -10.33 -7.79
C ILE A 18 29.84 -11.63 -7.47
N HIS A 19 29.43 -11.77 -6.21
CA HIS A 19 28.74 -12.98 -5.77
C HIS A 19 27.35 -13.05 -6.39
N LEU A 20 26.87 -14.28 -6.62
CA LEU A 20 25.56 -14.46 -7.22
C LEU A 20 24.45 -13.85 -6.36
N LYS A 21 24.52 -14.06 -5.05
CA LYS A 21 23.44 -13.67 -4.17
C LYS A 21 23.18 -12.16 -4.20
N ASN A 22 24.15 -11.37 -4.64
CA ASN A 22 24.00 -9.92 -4.69
C ASN A 22 23.58 -9.40 -6.06
N ILE A 23 23.53 -10.26 -7.08
CA ILE A 23 23.17 -9.81 -8.42
C ILE A 23 21.66 -9.88 -8.59
N GLN A 24 21.06 -8.74 -8.92
CA GLN A 24 19.63 -8.66 -9.18
C GLN A 24 19.30 -8.83 -10.67
N SER A 25 20.07 -8.19 -11.55
CA SER A 25 19.80 -8.30 -12.97
C SER A 25 21.10 -8.11 -13.75
N VAL A 26 21.09 -8.60 -14.99
CA VAL A 26 22.23 -8.50 -15.89
C VAL A 26 21.74 -7.97 -17.22
N ASN A 27 22.46 -6.99 -17.77
CA ASN A 27 22.15 -6.42 -19.07
C ASN A 27 23.37 -6.51 -19.96
N VAL A 28 23.20 -7.05 -21.17
CA VAL A 28 24.28 -7.27 -22.10
C VAL A 28 24.06 -6.35 -23.30
N ARG A 29 25.00 -5.46 -23.56
CA ARG A 29 24.92 -4.50 -24.65
C ARG A 29 25.95 -4.89 -25.71
N SER A 30 25.45 -5.18 -26.92
CA SER A 30 26.30 -5.60 -28.01
C SER A 30 27.07 -4.41 -28.59
N PRO A 31 28.14 -4.67 -29.35
CA PRO A 31 28.90 -3.57 -29.93
C PRO A 31 28.05 -2.71 -30.84
N GLY A 32 28.35 -1.41 -30.85
CA GLY A 32 27.63 -0.46 -31.67
C GLY A 32 28.46 0.75 -31.98
N PRO A 33 27.93 1.80 -32.65
CA PRO A 33 28.74 2.96 -33.01
C PRO A 33 29.25 3.64 -31.74
N HIS A 34 28.43 3.66 -30.68
CA HIS A 34 28.85 4.36 -29.47
C HIS A 34 29.79 3.53 -28.60
N CYS A 35 30.01 2.27 -28.93
CA CYS A 35 30.94 1.43 -28.17
C CYS A 35 31.26 0.20 -29.00
N ALA A 36 32.56 -0.07 -29.20
CA ALA A 36 32.98 -1.19 -30.02
C ALA A 36 33.16 -2.48 -29.24
N GLN A 37 33.02 -2.45 -27.92
CA GLN A 37 33.20 -3.62 -27.07
C GLN A 37 31.90 -4.01 -26.40
N THR A 38 31.64 -5.31 -26.36
CA THR A 38 30.47 -5.84 -25.66
C THR A 38 30.56 -5.47 -24.19
N GLU A 39 29.45 -5.01 -23.62
CA GLU A 39 29.40 -4.61 -22.23
C GLU A 39 28.44 -5.51 -21.46
N VAL A 40 28.81 -5.82 -20.23
CA VAL A 40 27.95 -6.54 -19.30
C VAL A 40 27.81 -5.67 -18.06
N ILE A 41 26.59 -5.26 -17.75
CA ILE A 41 26.30 -4.39 -16.61
C ILE A 41 25.40 -5.16 -15.66
N ALA A 42 25.86 -5.35 -14.44
CA ALA A 42 25.09 -6.04 -13.41
C ALA A 42 24.51 -5.03 -12.44
N THR A 43 23.19 -5.07 -12.27
CA THR A 43 22.50 -4.26 -11.28
C THR A 43 22.31 -5.11 -10.04
N LEU A 44 22.92 -4.67 -8.93
CA LEU A 44 22.89 -5.41 -7.68
C LEU A 44 21.63 -5.06 -6.89
N LYS A 45 21.39 -5.86 -5.84
CA LYS A 45 20.22 -5.62 -4.99
C LYS A 45 20.29 -4.25 -4.33
N ASN A 46 21.48 -3.70 -4.13
CA ASN A 46 21.64 -2.41 -3.47
C ASN A 46 21.55 -1.24 -4.43
N GLY A 47 21.34 -1.49 -5.72
CA GLY A 47 21.12 -0.43 -6.68
C GLY A 47 22.36 0.06 -7.41
N LYS A 48 23.54 -0.40 -7.03
CA LYS A 48 24.76 0.04 -7.70
C LYS A 48 25.00 -0.81 -8.94
N LYS A 49 25.38 -0.14 -10.02
CA LYS A 49 25.67 -0.80 -11.29
C LYS A 49 27.16 -1.10 -11.38
N ALA A 50 27.48 -2.33 -11.75
CA ALA A 50 28.87 -2.78 -11.85
C ALA A 50 29.14 -3.29 -13.26
N CYS A 51 30.38 -3.11 -13.71
CA CYS A 51 30.78 -3.61 -15.01
C CYS A 51 31.50 -4.94 -14.87
N LEU A 52 31.16 -5.90 -15.74
CA LEU A 52 31.75 -7.22 -15.72
C LEU A 52 32.51 -7.47 -17.01
N ASN A 53 33.58 -8.26 -16.91
CA ASN A 53 34.38 -8.59 -18.08
C ASN A 53 33.66 -9.65 -18.91
N PRO A 54 33.30 -9.37 -20.17
CA PRO A 54 32.59 -10.39 -20.96
C PRO A 54 33.38 -11.67 -21.16
N ALA A 55 34.70 -11.59 -21.26
CA ALA A 55 35.52 -12.77 -21.53
C ALA A 55 35.55 -13.73 -20.35
N SER A 56 35.12 -13.32 -19.17
CA SER A 56 35.20 -14.18 -17.99
C SER A 56 34.10 -15.23 -18.06
N PRO A 57 34.44 -16.53 -18.02
CA PRO A 57 33.38 -17.55 -18.02
C PRO A 57 32.44 -17.47 -16.83
N MET A 58 32.89 -16.85 -15.72
CA MET A 58 32.03 -16.74 -14.55
C MET A 58 30.75 -16.00 -14.88
N VAL A 59 30.82 -14.98 -15.75
CA VAL A 59 29.62 -14.25 -16.14
C VAL A 59 28.65 -15.17 -16.87
N GLN A 60 29.18 -15.98 -17.79
CA GLN A 60 28.32 -16.92 -18.51
C GLN A 60 27.70 -17.93 -17.56
N LYS A 61 28.47 -18.41 -16.58
CA LYS A 61 27.91 -19.34 -15.60
C LYS A 61 26.80 -18.68 -14.80
N ILE A 62 27.01 -17.41 -14.41
CA ILE A 62 25.99 -16.69 -13.66
C ILE A 62 24.71 -16.58 -14.49
N ILE A 63 24.85 -16.23 -15.76
CA ILE A 63 23.69 -16.09 -16.63
C ILE A 63 22.97 -17.42 -16.77
N GLU A 64 23.73 -18.51 -16.96
CA GLU A 64 23.10 -19.82 -17.11
C GLU A 64 22.34 -20.21 -15.85
N LYS A 65 22.95 -20.00 -14.69
CA LYS A 65 22.27 -20.34 -13.43
C LYS A 65 21.01 -19.51 -13.26
N ILE A 66 21.08 -18.22 -13.60
CA ILE A 66 19.91 -17.36 -13.47
C ILE A 66 18.80 -17.85 -14.39
N LEU A 67 19.14 -18.20 -15.63
CA LEU A 67 18.12 -18.70 -16.54
C LEU A 67 17.50 -20.00 -16.03
N ASN A 68 18.32 -20.91 -15.50
CA ASN A 68 17.79 -22.15 -14.95
C ASN A 68 16.96 -21.89 -13.70
N LYS A 69 17.17 -20.75 -13.06
CA LYS A 69 16.44 -20.41 -11.84
C LYS A 69 14.93 -20.54 -12.04
N ALA B 1 12.08 8.90 -12.43
CA ALA B 1 11.41 8.99 -13.72
C ALA B 1 9.91 8.79 -13.57
N SER B 2 9.53 7.67 -12.94
CA SER B 2 8.14 7.34 -12.71
C SER B 2 7.99 6.66 -11.36
N VAL B 3 6.79 6.72 -10.81
CA VAL B 3 6.46 6.12 -9.54
C VAL B 3 5.31 5.15 -9.75
N VAL B 4 5.46 3.93 -9.25
CA VAL B 4 4.43 2.90 -9.35
C VAL B 4 4.22 2.30 -7.97
N THR B 5 2.96 2.19 -7.56
CA THR B 5 2.66 1.64 -6.25
C THR B 5 3.07 0.18 -6.15
N GLU B 6 2.82 -0.61 -7.18
CA GLU B 6 3.13 -2.04 -7.18
C GLU B 6 3.83 -2.42 -8.48
N LEU B 7 4.65 -3.46 -8.39
CA LEU B 7 5.47 -3.91 -9.49
C LEU B 7 4.84 -5.13 -10.16
N ARG B 8 5.02 -5.25 -11.47
CA ARG B 8 4.46 -6.36 -12.24
C ARG B 8 5.49 -6.89 -13.21
N CYS B 9 5.25 -8.10 -13.69
CA CYS B 9 6.11 -8.69 -14.71
C CYS B 9 6.11 -7.79 -15.94
N GLN B 10 7.30 -7.57 -16.51
CA GLN B 10 7.41 -6.70 -17.67
C GLN B 10 6.88 -7.36 -18.94
N CYS B 11 6.58 -8.66 -18.89
CA CYS B 11 6.12 -9.40 -20.06
C CYS B 11 4.83 -10.14 -19.73
N LEU B 12 3.97 -10.29 -20.74
CA LEU B 12 2.72 -11.03 -20.61
C LEU B 12 2.73 -12.32 -21.39
N GLN B 13 3.01 -12.25 -22.69
CA GLN B 13 3.08 -13.42 -23.55
C GLN B 13 4.56 -13.80 -23.72
N THR B 14 4.85 -14.92 -24.39
CA THR B 14 6.22 -15.39 -24.55
C THR B 14 6.44 -15.74 -26.03
N LEU B 15 7.23 -14.90 -26.71
CA LEU B 15 7.56 -15.13 -28.11
C LEU B 15 8.92 -15.80 -28.25
N GLN B 16 9.12 -16.44 -29.39
CA GLN B 16 10.36 -17.14 -29.70
C GLN B 16 10.69 -16.95 -31.19
N GLY B 17 11.96 -17.12 -31.51
CA GLY B 17 12.39 -17.08 -32.90
C GLY B 17 12.81 -15.72 -33.38
N ILE B 18 13.45 -14.93 -32.51
CA ILE B 18 13.97 -13.64 -32.92
C ILE B 18 15.31 -13.82 -33.64
N HIS B 19 15.51 -13.01 -34.67
CA HIS B 19 16.74 -13.04 -35.47
C HIS B 19 17.78 -12.15 -34.81
N LEU B 20 18.94 -12.73 -34.49
CA LEU B 20 19.99 -11.95 -33.85
C LEU B 20 20.45 -10.79 -34.71
N LYS B 21 20.29 -10.89 -36.04
CA LYS B 21 20.67 -9.81 -36.93
C LYS B 21 19.90 -8.53 -36.65
N ASN B 22 18.75 -8.62 -35.98
CA ASN B 22 17.97 -7.45 -35.59
C ASN B 22 18.16 -7.05 -34.14
N ILE B 23 18.59 -7.98 -33.28
CA ILE B 23 18.72 -7.69 -31.86
C ILE B 23 19.88 -6.72 -31.64
N GLN B 24 19.64 -5.69 -30.84
CA GLN B 24 20.69 -4.76 -30.44
C GLN B 24 21.22 -5.06 -29.05
N SER B 25 20.34 -5.39 -28.10
CA SER B 25 20.77 -5.69 -26.74
C SER B 25 19.77 -6.61 -26.09
N VAL B 26 20.18 -7.22 -24.99
CA VAL B 26 19.35 -8.16 -24.24
C VAL B 26 19.50 -7.88 -22.75
N ASN B 27 18.38 -7.97 -22.03
CA ASN B 27 18.35 -7.78 -20.59
C ASN B 27 17.72 -9.01 -19.95
N VAL B 28 18.29 -9.46 -18.84
CA VAL B 28 17.83 -10.65 -18.13
C VAL B 28 17.59 -10.26 -16.69
N ARG B 29 16.39 -10.55 -16.19
CA ARG B 29 16.04 -10.29 -14.80
C ARG B 29 15.60 -11.59 -14.13
N SER B 30 16.29 -11.95 -13.06
CA SER B 30 15.97 -13.14 -12.29
C SER B 30 14.66 -12.90 -11.53
N PRO B 31 14.01 -13.96 -11.06
CA PRO B 31 12.73 -13.77 -10.39
C PRO B 31 12.90 -13.17 -9.01
N GLY B 32 12.50 -11.91 -8.86
CA GLY B 32 12.63 -11.21 -7.60
C GLY B 32 11.29 -10.72 -7.11
N PRO B 33 11.28 -9.65 -6.31
CA PRO B 33 10.00 -9.08 -5.90
C PRO B 33 9.18 -8.57 -7.07
N HIS B 34 9.82 -8.28 -8.21
CA HIS B 34 9.06 -7.78 -9.35
C HIS B 34 8.06 -8.82 -9.85
N CYS B 35 8.50 -10.06 -10.00
CA CYS B 35 7.67 -11.07 -10.66
C CYS B 35 8.17 -12.45 -10.26
N ALA B 36 7.37 -13.46 -10.60
CA ALA B 36 7.64 -14.83 -10.18
C ALA B 36 8.36 -15.66 -11.22
N GLN B 37 8.76 -15.08 -12.34
CA GLN B 37 9.44 -15.79 -13.40
C GLN B 37 10.63 -14.99 -13.90
N THR B 38 11.62 -15.69 -14.45
CA THR B 38 12.75 -15.02 -15.07
C THR B 38 12.30 -14.39 -16.39
N GLU B 39 12.70 -13.13 -16.60
CA GLU B 39 12.26 -12.39 -17.78
C GLU B 39 13.47 -12.01 -18.64
N VAL B 40 13.34 -12.23 -19.94
CA VAL B 40 14.35 -11.87 -20.92
C VAL B 40 13.69 -10.89 -21.89
N ILE B 41 14.27 -9.69 -22.01
CA ILE B 41 13.73 -8.63 -22.85
C ILE B 41 14.80 -8.22 -23.83
N ALA B 42 14.52 -8.33 -25.12
CA ALA B 42 15.46 -8.00 -26.17
C ALA B 42 15.04 -6.72 -26.86
N THR B 43 15.96 -5.76 -26.93
CA THR B 43 15.74 -4.52 -27.65
C THR B 43 16.41 -4.60 -29.01
N LEU B 44 15.61 -4.43 -30.06
CA LEU B 44 16.08 -4.54 -31.43
C LEU B 44 16.68 -3.22 -31.91
N LYS B 45 17.27 -3.26 -33.10
CA LYS B 45 17.92 -2.09 -33.66
C LYS B 45 16.94 -0.98 -34.02
N ASN B 46 15.68 -1.32 -34.29
CA ASN B 46 14.68 -0.35 -34.70
C ASN B 46 13.94 0.28 -33.53
N GLY B 47 14.34 -0.04 -32.29
CA GLY B 47 13.72 0.52 -31.11
C GLY B 47 12.60 -0.31 -30.52
N LYS B 48 12.15 -1.34 -31.21
CA LYS B 48 11.12 -2.22 -30.67
C LYS B 48 11.71 -3.12 -29.59
N LYS B 49 10.83 -3.59 -28.70
CA LYS B 49 11.20 -4.50 -27.64
C LYS B 49 10.39 -5.79 -27.76
N ALA B 50 11.02 -6.91 -27.39
CA ALA B 50 10.40 -8.21 -27.47
C ALA B 50 10.69 -9.01 -26.20
N CYS B 51 9.83 -9.97 -25.89
CA CYS B 51 9.97 -10.80 -24.70
C CYS B 51 10.27 -12.24 -25.13
N LEU B 52 11.22 -12.87 -24.44
CA LEU B 52 11.68 -14.19 -24.80
C LEU B 52 11.38 -15.19 -23.68
N ASN B 53 11.07 -16.42 -24.06
CA ASN B 53 10.79 -17.47 -23.09
C ASN B 53 12.09 -17.94 -22.45
N PRO B 54 12.23 -17.87 -21.12
CA PRO B 54 13.46 -18.36 -20.50
C PRO B 54 13.73 -19.83 -20.75
N ALA B 55 12.68 -20.65 -20.88
CA ALA B 55 12.86 -22.09 -21.04
C ALA B 55 13.30 -22.49 -22.44
N SER B 56 13.27 -21.58 -23.41
CA SER B 56 13.62 -21.92 -24.77
C SER B 56 15.14 -22.03 -24.92
N PRO B 57 15.65 -23.20 -25.34
CA PRO B 57 17.11 -23.30 -25.56
C PRO B 57 17.63 -22.32 -26.60
N MET B 58 16.78 -21.96 -27.58
CA MET B 58 17.21 -21.00 -28.59
C MET B 58 17.53 -19.65 -27.95
N VAL B 59 16.74 -19.25 -26.95
CA VAL B 59 16.98 -17.98 -26.26
C VAL B 59 18.33 -18.01 -25.57
N GLN B 60 18.63 -19.10 -24.88
CA GLN B 60 19.92 -19.22 -24.21
C GLN B 60 21.06 -19.21 -25.22
N LYS B 61 20.87 -19.89 -26.36
CA LYS B 61 21.91 -19.89 -27.39
C LYS B 61 22.15 -18.49 -27.92
N ILE B 62 21.08 -17.73 -28.15
CA ILE B 62 21.22 -16.36 -28.64
C ILE B 62 21.94 -15.51 -27.61
N ILE B 63 21.58 -15.66 -26.34
CA ILE B 63 22.24 -14.89 -25.28
C ILE B 63 23.72 -15.22 -25.24
N GLU B 64 24.06 -16.49 -25.34
CA GLU B 64 25.49 -16.81 -25.20
C GLU B 64 26.22 -16.29 -26.43
N LYS B 65 25.51 -16.11 -27.54
CA LYS B 65 26.21 -15.81 -28.81
C LYS B 65 26.48 -14.34 -28.71
N ILE B 66 25.56 -13.66 -28.06
CA ILE B 66 25.73 -12.20 -27.86
C ILE B 66 26.98 -11.99 -27.04
N LEU B 67 27.08 -12.73 -25.93
CA LEU B 67 28.19 -12.52 -25.01
C LEU B 67 29.53 -12.64 -25.72
N LEU C 89 2.80 -13.78 -33.87
CA LEU C 89 2.11 -13.09 -32.78
C LEU C 89 2.99 -11.98 -32.20
N LEU C 90 3.59 -11.18 -33.09
CA LEU C 90 4.51 -10.14 -32.66
C LEU C 90 3.86 -9.08 -31.78
N ASP C 91 2.54 -9.13 -31.60
CA ASP C 91 1.87 -8.14 -30.77
C ASP C 91 2.46 -8.10 -29.36
N ALA C 92 2.92 -9.25 -28.86
CA ALA C 92 3.49 -9.29 -27.52
C ALA C 92 4.73 -8.40 -27.44
N ALA C 93 4.81 -7.60 -26.38
CA ALA C 93 5.94 -6.73 -26.14
C ALA C 93 5.78 -6.08 -24.77
N PRO C 94 6.85 -5.55 -24.20
CA PRO C 94 6.76 -4.95 -22.86
C PRO C 94 5.74 -3.82 -22.81
N CYS C 95 5.04 -3.73 -21.68
CA CYS C 95 4.10 -2.64 -21.42
C CYS C 95 4.84 -1.54 -20.67
N GLU C 96 5.30 -0.53 -21.40
CA GLU C 96 6.06 0.54 -20.78
C GLU C 96 5.18 1.31 -19.79
N PRO C 97 5.70 1.66 -18.62
CA PRO C 97 4.92 2.48 -17.69
C PRO C 97 4.87 3.93 -18.14
N GLU C 98 3.88 4.66 -17.62
CA GLU C 98 3.65 6.05 -17.98
C GLU C 98 3.41 6.86 -16.71
N SER C 99 4.02 8.04 -16.64
CA SER C 99 3.90 8.93 -15.50
C SER C 99 3.51 10.32 -15.98
N LEU C 100 2.72 11.02 -15.17
CA LEU C 100 2.21 12.35 -15.50
C LEU C 100 2.72 13.36 -14.50
N GLU C 101 2.77 14.63 -14.91
CA GLU C 101 3.26 15.69 -14.02
C GLU C 101 2.11 16.26 -13.19
N ILE C 102 0.91 16.31 -13.76
CA ILE C 102 -0.21 16.95 -13.08
C ILE C 102 -0.51 16.25 -11.76
N ASN C 103 -0.56 14.91 -11.79
CA ASN C 103 -0.85 14.17 -10.57
C ASN C 103 0.25 14.39 -9.54
N LYS C 104 1.50 14.40 -9.96
CA LYS C 104 2.60 14.66 -9.04
C LYS C 104 2.42 16.02 -8.35
N TYR C 105 2.12 17.05 -9.15
CA TYR C 105 2.02 18.39 -8.58
C TYR C 105 0.83 18.52 -7.65
N PHE C 106 -0.31 17.92 -8.01
CA PHE C 106 -1.52 18.11 -7.22
C PHE C 106 -1.52 17.26 -5.95
N VAL C 107 -0.89 16.08 -6.01
CA VAL C 107 -0.93 15.18 -4.87
C VAL C 107 -0.20 15.79 -3.68
N VAL C 108 0.89 16.51 -3.94
CA VAL C 108 1.62 17.15 -2.85
C VAL C 108 0.74 18.16 -2.14
N ILE C 109 0.01 18.99 -2.91
CA ILE C 109 -0.87 19.98 -2.29
C ILE C 109 -1.94 19.28 -1.47
N ILE C 110 -2.54 18.23 -2.03
CA ILE C 110 -3.60 17.53 -1.31
C ILE C 110 -3.08 16.95 -0.01
N TYR C 111 -1.91 16.30 -0.07
CA TYR C 111 -1.35 15.68 1.13
C TYR C 111 -1.01 16.73 2.17
N ALA C 112 -0.44 17.85 1.76
CA ALA C 112 -0.10 18.89 2.73
C ALA C 112 -1.35 19.45 3.39
N LEU C 113 -2.41 19.70 2.60
CA LEU C 113 -3.63 20.24 3.17
C LEU C 113 -4.25 19.24 4.16
N VAL C 114 -4.28 17.96 3.79
CA VAL C 114 -4.83 16.95 4.69
C VAL C 114 -3.99 16.87 5.96
N PHE C 115 -2.66 16.94 5.82
CA PHE C 115 -1.79 16.93 6.98
C PHE C 115 -2.14 18.06 7.94
N LEU C 116 -2.26 19.28 7.41
CA LEU C 116 -2.57 20.42 8.25
C LEU C 116 -3.91 20.23 8.96
N LEU C 117 -4.95 19.85 8.22
CA LEU C 117 -6.26 19.71 8.83
C LEU C 117 -6.26 18.62 9.90
N SER C 118 -5.66 17.47 9.59
CA SER C 118 -5.64 16.38 10.57
C SER C 118 -4.88 16.78 11.81
N LEU C 119 -3.73 17.42 11.65
CA LEU C 119 -2.95 17.84 12.81
C LEU C 119 -3.77 18.78 13.68
N LEU C 120 -4.39 19.78 13.07
CA LEU C 120 -5.17 20.75 13.85
C LEU C 120 -6.32 20.05 14.58
N GLY C 121 -7.07 19.20 13.88
CA GLY C 121 -8.22 18.56 14.50
C GLY C 121 -7.82 17.65 15.65
N ASN C 122 -6.80 16.81 15.43
CA ASN C 122 -6.37 15.91 16.49
C ASN C 122 -5.84 16.70 17.68
N SER C 123 -5.09 17.77 17.44
CA SER C 123 -4.61 18.59 18.54
C SER C 123 -5.79 19.15 19.34
N LEU C 124 -6.80 19.66 18.64
CA LEU C 124 -7.96 20.21 19.35
C LEU C 124 -8.65 19.15 20.19
N VAL C 125 -8.85 17.96 19.64
CA VAL C 125 -9.56 16.91 20.36
C VAL C 125 -8.76 16.49 21.60
N MET C 126 -7.45 16.28 21.43
CA MET C 126 -6.64 15.89 22.56
C MET C 126 -6.63 16.96 23.64
N LEU C 127 -6.51 18.23 23.24
CA LEU C 127 -6.54 19.31 24.21
C LEU C 127 -7.85 19.31 24.99
N VAL C 128 -8.97 19.18 24.28
CA VAL C 128 -10.27 19.23 24.95
C VAL C 128 -10.41 18.07 25.92
N ILE C 129 -9.98 16.87 25.52
CA ILE C 129 -10.18 15.71 26.38
C ILE C 129 -9.27 15.79 27.61
N LEU C 130 -8.01 16.22 27.43
CA LEU C 130 -7.06 16.19 28.53
C LEU C 130 -7.18 17.38 29.47
N TYR C 131 -7.67 18.52 29.00
CA TYR C 131 -7.62 19.72 29.83
C TYR C 131 -8.45 19.56 31.10
N SER C 132 -9.64 18.99 30.99
CA SER C 132 -10.55 18.84 32.12
C SER C 132 -10.71 17.36 32.45
N ARG C 133 -10.61 17.03 33.73
CA ARG C 133 -10.72 15.65 34.19
C ARG C 133 -12.14 15.25 34.59
N VAL C 134 -13.08 16.18 34.54
CA VAL C 134 -14.47 15.86 34.87
C VAL C 134 -15.16 15.28 33.65
N GLY C 135 -16.03 14.31 33.88
CA GLY C 135 -16.78 13.72 32.78
C GLY C 135 -15.96 12.86 31.85
N ARG C 136 -14.87 12.27 32.34
CA ARG C 136 -14.04 11.41 31.51
C ARG C 136 -14.78 10.09 31.31
N SER C 137 -15.72 10.09 30.39
CA SER C 137 -16.54 8.92 30.11
C SER C 137 -15.79 7.97 29.19
N VAL C 138 -16.39 6.80 28.94
CA VAL C 138 -15.73 5.79 28.11
C VAL C 138 -15.46 6.34 26.72
N THR C 139 -16.45 7.00 26.12
CA THR C 139 -16.25 7.55 24.79
C THR C 139 -15.10 8.55 24.77
N ASP C 140 -14.84 9.21 25.90
CA ASP C 140 -13.69 10.12 25.94
C ASP C 140 -12.39 9.36 25.72
N VAL C 141 -12.23 8.22 26.38
CA VAL C 141 -11.01 7.43 26.20
C VAL C 141 -10.93 6.89 24.79
N TYR C 142 -12.05 6.39 24.26
CA TYR C 142 -12.04 5.89 22.89
C TYR C 142 -11.62 6.98 21.92
N LEU C 143 -12.17 8.17 22.07
CA LEU C 143 -11.84 9.27 21.17
C LEU C 143 -10.40 9.71 21.35
N LEU C 144 -9.88 9.68 22.58
CA LEU C 144 -8.49 10.01 22.80
C LEU C 144 -7.58 9.07 22.03
N ASN C 145 -7.83 7.76 22.13
CA ASN C 145 -6.98 6.81 21.42
C ASN C 145 -7.12 6.99 19.91
N LEU C 146 -8.34 7.20 19.42
CA LEU C 146 -8.52 7.42 17.99
C LEU C 146 -7.75 8.66 17.54
N ALA C 147 -7.79 9.72 18.33
CA ALA C 147 -7.07 10.94 17.99
C ALA C 147 -5.57 10.70 17.97
N LEU C 148 -5.05 9.93 18.93
CA LEU C 148 -3.63 9.62 18.92
C LEU C 148 -3.25 8.86 17.66
N ALA C 149 -4.04 7.87 17.29
CA ALA C 149 -3.74 7.11 16.07
C ALA C 149 -3.74 8.02 14.85
N ASP C 150 -4.75 8.87 14.73
CA ASP C 150 -4.81 9.78 13.58
C ASP C 150 -3.64 10.75 13.59
N LEU C 151 -3.22 11.21 14.78
CA LEU C 151 -2.10 12.12 14.85
C LEU C 151 -0.82 11.45 14.35
N LEU C 152 -0.58 10.21 14.76
CA LEU C 152 0.60 9.51 14.25
C LEU C 152 0.50 9.32 12.73
N PHE C 153 -0.67 8.95 12.24
CA PHE C 153 -0.82 8.73 10.80
C PHE C 153 -0.52 10.01 10.03
N ALA C 154 -1.06 11.13 10.48
CA ALA C 154 -0.78 12.41 9.83
C ALA C 154 0.70 12.76 9.93
N LEU C 155 1.31 12.52 11.09
CA LEU C 155 2.74 12.78 11.24
C LEU C 155 3.55 12.01 10.22
N THR C 156 3.13 10.79 9.90
CA THR C 156 3.82 9.98 8.91
C THR C 156 3.48 10.37 7.48
N LEU C 157 2.38 11.07 7.25
CA LEU C 157 1.99 11.39 5.88
C LEU C 157 3.08 12.09 5.07
N PRO C 158 3.73 13.15 5.56
CA PRO C 158 4.62 13.94 4.68
C PRO C 158 5.74 13.14 4.02
N ILE C 159 6.35 12.20 4.74
CA ILE C 159 7.38 11.36 4.12
C ILE C 159 6.77 10.55 3.00
N TRP C 160 5.55 10.05 3.19
CA TRP C 160 4.87 9.32 2.13
C TRP C 160 4.61 10.22 0.92
N ALA C 161 4.25 11.48 1.16
CA ALA C 161 4.04 12.40 0.04
C ALA C 161 5.34 12.60 -0.73
N ALA C 162 6.45 12.78 -0.01
CA ALA C 162 7.74 12.92 -0.70
C ALA C 162 8.05 11.67 -1.51
N SER C 163 7.78 10.50 -0.94
CA SER C 163 8.02 9.25 -1.67
C SER C 163 7.19 9.20 -2.94
N LYS C 164 5.90 9.55 -2.85
CA LYS C 164 5.09 9.61 -4.05
C LYS C 164 5.68 10.57 -5.07
N VAL C 165 6.27 11.67 -4.60
CA VAL C 165 6.84 12.65 -5.51
C VAL C 165 8.00 12.06 -6.29
N ASN C 166 9.04 11.62 -5.57
CA ASN C 166 10.31 11.27 -6.20
C ASN C 166 10.71 9.83 -6.03
N GLY C 167 9.89 8.99 -5.42
CA GLY C 167 10.27 7.64 -5.09
C GLY C 167 11.07 7.59 -3.80
N TRP C 168 11.16 6.39 -3.23
CA TRP C 168 11.76 6.22 -1.91
C TRP C 168 13.27 6.31 -2.04
N ILE C 169 13.81 7.51 -1.85
CA ILE C 169 15.25 7.73 -1.85
C ILE C 169 15.83 7.69 -0.44
N PHE C 170 15.03 7.34 0.57
CA PHE C 170 15.41 7.59 1.95
C PHE C 170 15.97 6.36 2.65
N GLY C 171 16.36 5.32 1.93
CA GLY C 171 17.03 4.18 2.53
C GLY C 171 16.04 3.12 2.96
N THR C 172 16.58 2.14 3.69
CA THR C 172 15.78 0.99 4.11
C THR C 172 15.23 1.16 5.52
N PHE C 173 16.06 1.66 6.44
CA PHE C 173 15.62 1.79 7.83
C PHE C 173 14.36 2.62 7.94
N LEU C 174 14.33 3.77 7.27
CA LEU C 174 13.14 4.60 7.28
C LEU C 174 11.96 3.91 6.61
N CYS C 175 12.20 3.19 5.51
CA CYS C 175 11.11 2.41 4.92
C CYS C 175 10.47 1.52 5.97
N LYS C 176 11.29 0.73 6.68
CA LYS C 176 10.74 -0.17 7.68
C LYS C 176 9.98 0.59 8.76
N VAL C 177 10.61 1.62 9.34
CA VAL C 177 9.98 2.31 10.48
C VAL C 177 8.68 2.96 10.05
N VAL C 178 8.69 3.69 8.93
CA VAL C 178 7.51 4.45 8.54
C VAL C 178 6.39 3.51 8.11
N SER C 179 6.72 2.44 7.39
CA SER C 179 5.66 1.49 7.03
C SER C 179 5.06 0.87 8.27
N LEU C 180 5.90 0.51 9.25
CA LEU C 180 5.39 -0.02 10.50
C LEU C 180 4.41 0.95 11.14
N LEU C 181 4.84 2.20 11.30
CA LEU C 181 3.99 3.18 11.97
C LEU C 181 2.68 3.39 11.22
N LYS C 182 2.75 3.56 9.91
CA LYS C 182 1.54 3.78 9.12
C LYS C 182 0.57 2.62 9.27
N GLU C 183 1.05 1.39 9.09
CA GLU C 183 0.12 0.27 9.12
C GLU C 183 -0.44 0.05 10.53
N VAL C 184 0.41 0.21 11.55
CA VAL C 184 -0.08 0.05 12.92
C VAL C 184 -1.19 1.04 13.21
N ASN C 185 -0.96 2.31 12.89
CA ASN C 185 -1.98 3.31 13.18
C ASN C 185 -3.24 3.08 12.37
N PHE C 186 -3.12 2.64 11.11
CA PHE C 186 -4.31 2.37 10.31
C PHE C 186 -5.14 1.25 10.94
N TYR C 187 -4.50 0.14 11.29
CA TYR C 187 -5.23 -0.97 11.89
C TYR C 187 -5.88 -0.55 13.20
N SER C 188 -5.14 0.21 14.02
CA SER C 188 -5.70 0.64 15.30
C SER C 188 -6.89 1.57 15.10
N GLY C 189 -6.81 2.47 14.12
CA GLY C 189 -7.94 3.35 13.85
C GLY C 189 -9.18 2.57 13.47
N ILE C 190 -9.03 1.61 12.56
CA ILE C 190 -10.19 0.82 12.15
C ILE C 190 -10.78 0.07 13.34
N LEU C 191 -9.93 -0.62 14.09
CA LEU C 191 -10.45 -1.41 15.20
C LEU C 191 -11.06 -0.53 16.28
N LEU C 192 -10.55 0.70 16.44
CA LEU C 192 -11.16 1.61 17.40
C LEU C 192 -12.52 2.08 16.94
N LEU C 193 -12.70 2.29 15.63
CA LEU C 193 -14.05 2.58 15.15
C LEU C 193 -14.99 1.42 15.45
N ALA C 194 -14.52 0.19 15.21
CA ALA C 194 -15.35 -0.97 15.53
C ALA C 194 -15.69 -1.02 17.01
N CYS C 195 -14.71 -0.73 17.87
CA CYS C 195 -14.97 -0.75 19.31
C CYS C 195 -15.95 0.32 19.72
N ILE C 196 -15.87 1.51 19.14
CA ILE C 196 -16.85 2.55 19.45
C ILE C 196 -18.24 2.11 19.04
N SER C 197 -18.33 1.44 17.88
CA SER C 197 -19.63 0.92 17.47
C SER C 197 -20.16 -0.09 18.49
N VAL C 198 -19.29 -0.98 18.97
CA VAL C 198 -19.73 -1.96 19.96
C VAL C 198 -20.21 -1.25 21.22
N ASP C 199 -19.49 -0.21 21.65
CA ASP C 199 -19.89 0.52 22.84
C ASP C 199 -21.25 1.16 22.68
N ARG C 200 -21.51 1.79 21.53
CA ARG C 200 -22.81 2.39 21.31
C ARG C 200 -23.91 1.34 21.31
N TYR C 201 -23.65 0.19 20.68
CA TYR C 201 -24.66 -0.87 20.69
C TYR C 201 -24.95 -1.33 22.10
N LEU C 202 -23.92 -1.50 22.93
CA LEU C 202 -24.15 -1.92 24.31
C LEU C 202 -24.90 -0.86 25.09
N ALA C 203 -24.63 0.41 24.81
CA ALA C 203 -25.21 1.48 25.61
C ALA C 203 -26.62 1.87 25.18
N ILE C 204 -27.07 1.46 23.99
CA ILE C 204 -28.41 1.83 23.55
C ILE C 204 -29.36 0.64 23.59
N VAL C 205 -29.06 -0.41 22.82
CA VAL C 205 -29.99 -1.54 22.72
C VAL C 205 -30.13 -2.23 24.07
N HIS C 206 -29.01 -2.49 24.75
CA HIS C 206 -28.99 -3.19 26.02
C HIS C 206 -28.94 -2.23 27.20
N ALA C 207 -29.58 -1.07 27.06
CA ALA C 207 -29.49 -0.07 28.12
C ALA C 207 -30.04 -0.59 29.43
N THR C 208 -31.14 -1.34 29.38
CA THR C 208 -31.80 -1.78 30.59
C THR C 208 -31.22 -3.07 31.16
N ARG C 209 -30.49 -3.85 30.38
CA ARG C 209 -30.05 -5.17 30.80
C ARG C 209 -28.78 -5.05 31.63
N THR C 210 -28.26 -6.19 32.09
CA THR C 210 -27.08 -6.23 32.93
C THR C 210 -25.77 -6.31 32.14
N LEU C 211 -25.85 -6.51 30.83
CA LEU C 211 -24.62 -6.63 30.03
C LEU C 211 -23.92 -5.29 29.85
N THR C 212 -24.65 -4.19 29.87
CA THR C 212 -24.05 -2.88 29.60
C THR C 212 -22.88 -2.58 30.53
N GLN C 213 -22.89 -3.09 31.75
CA GLN C 213 -21.80 -2.82 32.68
C GLN C 213 -20.45 -3.31 32.18
N LYS C 214 -20.42 -4.08 31.09
CA LYS C 214 -19.17 -4.51 30.48
C LYS C 214 -18.55 -3.44 29.59
N ARG C 215 -19.07 -2.21 29.63
CA ARG C 215 -18.52 -1.10 28.85
C ARG C 215 -17.56 -0.24 29.67
N TYR C 216 -17.21 -0.66 30.89
CA TYR C 216 -16.24 0.04 31.72
C TYR C 216 -14.85 -0.60 31.65
N LEU C 217 -14.55 -1.34 30.58
CA LEU C 217 -13.24 -1.93 30.36
C LEU C 217 -12.49 -1.22 29.24
N VAL C 218 -12.62 0.10 29.15
CA VAL C 218 -11.99 0.83 28.06
C VAL C 218 -10.48 0.62 28.08
N LYS C 219 -9.87 0.62 29.27
CA LYS C 219 -8.42 0.53 29.35
C LYS C 219 -7.91 -0.77 28.73
N PHE C 220 -8.44 -1.90 29.19
CA PHE C 220 -7.94 -3.18 28.71
C PHE C 220 -8.31 -3.41 27.26
N ILE C 221 -9.50 -2.98 26.84
CA ILE C 221 -9.89 -3.14 25.44
C ILE C 221 -8.95 -2.34 24.55
N CYS C 222 -8.64 -1.10 24.93
CA CYS C 222 -7.76 -0.28 24.12
C CYS C 222 -6.36 -0.88 24.07
N LEU C 223 -5.86 -1.38 25.20
CA LEU C 223 -4.55 -2.02 25.20
C LEU C 223 -4.56 -3.24 24.28
N SER C 224 -5.62 -4.04 24.33
CA SER C 224 -5.71 -5.20 23.46
C SER C 224 -5.72 -4.79 22.00
N ILE C 225 -6.45 -3.74 21.67
CA ILE C 225 -6.51 -3.29 20.28
C ILE C 225 -5.13 -2.85 19.81
N TRP C 226 -4.43 -2.07 20.61
CA TRP C 226 -3.10 -1.63 20.21
C TRP C 226 -2.15 -2.82 20.05
N GLY C 227 -2.22 -3.78 20.96
CA GLY C 227 -1.39 -4.96 20.84
C GLY C 227 -1.71 -5.76 19.59
N LEU C 228 -3.00 -5.90 19.27
CA LEU C 228 -3.39 -6.62 18.06
C LEU C 228 -2.89 -5.91 16.81
N SER C 229 -2.96 -4.57 16.81
CA SER C 229 -2.42 -3.83 15.69
C SER C 229 -0.93 -4.08 15.52
N LEU C 230 -0.19 -4.02 16.62
CA LEU C 230 1.26 -4.25 16.54
C LEU C 230 1.55 -5.67 16.05
N LEU C 231 0.75 -6.65 16.50
CA LEU C 231 0.94 -8.01 16.02
C LEU C 231 0.66 -8.12 14.53
N LEU C 232 -0.41 -7.48 14.06
CA LEU C 232 -0.78 -7.54 12.66
C LEU C 232 0.20 -6.82 11.75
N ALA C 233 0.91 -5.82 12.25
CA ALA C 233 1.82 -5.03 11.43
C ALA C 233 3.18 -5.69 11.22
N LEU C 234 3.42 -6.83 11.84
CA LEU C 234 4.75 -7.46 11.78
C LEU C 234 5.20 -7.72 10.35
N PRO C 235 4.35 -8.27 9.47
CA PRO C 235 4.84 -8.61 8.13
C PRO C 235 5.47 -7.43 7.42
N VAL C 236 4.93 -6.23 7.63
CA VAL C 236 5.52 -5.04 7.03
C VAL C 236 6.95 -4.85 7.52
N LEU C 237 7.17 -5.01 8.82
CA LEU C 237 8.52 -4.82 9.36
C LEU C 237 9.47 -5.92 8.90
N LEU C 238 8.98 -7.16 8.77
CA LEU C 238 9.87 -8.26 8.48
C LEU C 238 10.31 -8.29 7.02
N PHE C 239 9.43 -7.92 6.10
CA PHE C 239 9.72 -8.10 4.68
C PHE C 239 9.55 -6.83 3.86
N ARG C 240 10.12 -5.71 4.30
CA ARG C 240 10.05 -4.47 3.54
C ARG C 240 11.45 -3.92 3.31
N ARG C 241 11.73 -3.49 2.08
CA ARG C 241 12.99 -2.86 1.74
C ARG C 241 12.81 -2.08 0.45
N THR C 242 13.84 -1.33 0.09
CA THR C 242 13.84 -0.64 -1.19
C THR C 242 14.07 -1.64 -2.31
N VAL C 243 13.40 -1.42 -3.44
CA VAL C 243 13.58 -2.25 -4.63
C VAL C 243 14.01 -1.37 -5.78
N TYR C 244 15.18 -1.65 -6.34
CA TYR C 244 15.73 -0.88 -7.43
C TYR C 244 15.38 -1.57 -8.75
N SER C 245 14.71 -0.84 -9.64
CA SER C 245 14.31 -1.35 -10.94
C SER C 245 14.72 -0.35 -12.02
N SER C 246 14.69 -0.82 -13.27
CA SER C 246 15.07 0.01 -14.41
C SER C 246 13.93 0.86 -14.93
N ASN C 247 12.73 0.27 -15.04
CA ASN C 247 11.59 1.03 -15.56
C ASN C 247 11.08 2.04 -14.54
N VAL C 248 11.12 1.70 -13.25
CA VAL C 248 10.47 2.49 -12.22
C VAL C 248 11.51 2.93 -11.19
N SER C 249 11.20 4.04 -10.52
CA SER C 249 12.04 4.58 -9.48
C SER C 249 11.96 3.69 -8.24
N PRO C 250 12.92 3.82 -7.33
CA PRO C 250 12.93 2.93 -6.16
C PRO C 250 11.66 3.07 -5.34
N ALA C 251 11.20 1.95 -4.79
CA ALA C 251 9.98 1.90 -4.01
C ALA C 251 10.21 1.05 -2.78
N CYS C 252 9.55 1.43 -1.69
CA CYS C 252 9.65 0.73 -0.41
C CYS C 252 8.67 -0.44 -0.43
N TYR C 253 9.07 -1.49 -1.14
CA TYR C 253 8.26 -2.65 -1.43
C TYR C 253 8.57 -3.76 -0.44
N GLU C 254 8.04 -4.96 -0.71
CA GLU C 254 8.30 -6.13 0.10
C GLU C 254 9.15 -7.13 -0.67
N ASP C 255 10.06 -7.79 0.05
CA ASP C 255 11.04 -8.70 -0.54
C ASP C 255 11.00 -10.02 0.23
N MET C 256 10.11 -10.92 -0.20
CA MET C 256 9.93 -12.20 0.47
C MET C 256 10.66 -13.34 -0.22
N GLY C 257 11.41 -13.09 -1.28
CA GLY C 257 12.22 -14.11 -1.93
C GLY C 257 11.71 -14.42 -3.33
N ASN C 258 11.97 -15.64 -3.77
CA ASN C 258 11.70 -16.01 -5.16
C ASN C 258 10.21 -15.89 -5.48
N ASN C 259 9.35 -16.34 -4.59
CA ASN C 259 7.90 -16.32 -4.81
C ASN C 259 7.24 -15.14 -4.10
N THR C 260 7.90 -13.99 -4.11
CA THR C 260 7.40 -12.84 -3.36
C THR C 260 6.02 -12.40 -3.80
N ALA C 261 5.70 -12.53 -5.09
CA ALA C 261 4.41 -12.05 -5.57
C ALA C 261 3.26 -12.81 -4.90
N ASN C 262 3.33 -14.14 -4.92
CA ASN C 262 2.27 -14.94 -4.32
C ASN C 262 2.15 -14.67 -2.82
N TRP C 263 3.29 -14.57 -2.13
CA TRP C 263 3.25 -14.33 -0.70
C TRP C 263 2.66 -12.95 -0.39
N ARG C 264 2.97 -11.96 -1.22
CA ARG C 264 2.37 -10.64 -1.05
C ARG C 264 0.87 -10.72 -1.23
N MET C 265 0.41 -11.45 -2.24
CA MET C 265 -1.03 -11.60 -2.44
C MET C 265 -1.68 -12.25 -1.23
N LEU C 266 -1.04 -13.29 -0.68
CA LEU C 266 -1.61 -13.94 0.50
C LEU C 266 -1.63 -12.99 1.70
N LEU C 267 -0.56 -12.23 1.90
CA LEU C 267 -0.53 -11.29 3.02
C LEU C 267 -1.55 -10.18 2.85
N ARG C 268 -1.96 -9.88 1.63
CA ARG C 268 -2.99 -8.85 1.46
C ARG C 268 -4.32 -9.26 2.07
N ILE C 269 -4.50 -10.52 2.44
CA ILE C 269 -5.76 -10.94 3.03
C ILE C 269 -5.98 -10.25 4.38
N LEU C 270 -4.91 -10.04 5.13
CA LEU C 270 -5.06 -9.43 6.45
C LEU C 270 -5.63 -8.02 6.38
N PRO C 271 -5.10 -7.10 5.59
CA PRO C 271 -5.69 -5.75 5.55
C PRO C 271 -7.15 -5.75 5.09
N GLN C 272 -7.56 -6.70 4.25
CA GLN C 272 -8.92 -6.72 3.72
C GLN C 272 -9.87 -7.54 4.57
N SER C 273 -9.40 -8.23 5.60
CA SER C 273 -10.27 -9.01 6.48
C SER C 273 -10.34 -8.43 7.88
N PHE C 274 -9.20 -8.29 8.56
CA PHE C 274 -9.16 -7.61 9.84
C PHE C 274 -9.21 -6.10 9.69
N GLY C 275 -9.19 -5.59 8.47
CA GLY C 275 -9.21 -4.15 8.25
C GLY C 275 -10.46 -3.63 7.59
N PHE C 276 -11.11 -4.43 6.74
CA PHE C 276 -12.36 -4.00 6.13
C PHE C 276 -13.57 -4.85 6.47
N ILE C 277 -13.49 -6.16 6.24
CA ILE C 277 -14.71 -6.97 6.27
C ILE C 277 -15.19 -7.18 7.70
N VAL C 278 -14.29 -7.57 8.61
CA VAL C 278 -14.71 -7.80 9.99
C VAL C 278 -15.21 -6.53 10.65
N PRO C 279 -14.47 -5.42 10.65
CA PRO C 279 -15.03 -4.18 11.21
C PRO C 279 -16.29 -3.74 10.51
N LEU C 280 -16.40 -3.92 9.19
CA LEU C 280 -17.62 -3.54 8.51
C LEU C 280 -18.81 -4.35 9.00
N LEU C 281 -18.63 -5.67 9.16
CA LEU C 281 -19.72 -6.49 9.67
C LEU C 281 -20.12 -6.06 11.07
N ILE C 282 -19.13 -5.82 11.93
CA ILE C 282 -19.47 -5.44 13.30
C ILE C 282 -20.21 -4.11 13.31
N MET C 283 -19.73 -3.12 12.56
CA MET C 283 -20.39 -1.83 12.53
C MET C 283 -21.80 -1.95 11.98
N LEU C 284 -21.98 -2.69 10.89
CA LEU C 284 -23.31 -2.83 10.32
C LEU C 284 -24.26 -3.47 11.31
N PHE C 285 -23.85 -4.56 11.96
CA PHE C 285 -24.72 -5.21 12.93
C PHE C 285 -25.09 -4.27 14.06
N CYS C 286 -24.08 -3.66 14.69
CA CYS C 286 -24.33 -2.83 15.85
C CYS C 286 -25.24 -1.64 15.50
N TYR C 287 -24.93 -0.94 14.41
CA TYR C 287 -25.71 0.24 14.07
C TYR C 287 -27.09 -0.13 13.53
N GLY C 288 -27.23 -1.30 12.90
CA GLY C 288 -28.54 -1.73 12.48
C GLY C 288 -29.46 -1.96 13.66
N PHE C 289 -28.96 -2.65 14.69
CA PHE C 289 -29.79 -2.86 15.86
C PHE C 289 -30.00 -1.56 16.64
N THR C 290 -29.00 -0.68 16.67
CA THR C 290 -29.19 0.62 17.31
C THR C 290 -30.31 1.40 16.62
N LEU C 291 -30.30 1.43 15.30
CA LEU C 291 -31.35 2.11 14.56
C LEU C 291 -32.70 1.46 14.83
N ARG C 292 -32.75 0.13 14.85
CA ARG C 292 -34.02 -0.55 15.10
C ARG C 292 -34.59 -0.13 16.45
N THR C 293 -33.76 -0.08 17.49
CA THR C 293 -34.29 0.27 18.80
C THR C 293 -34.60 1.76 18.91
N LEU C 294 -33.83 2.61 18.24
CA LEU C 294 -34.12 4.04 18.28
C LEU C 294 -35.43 4.38 17.59
N PHE C 295 -35.68 3.83 16.41
CA PHE C 295 -36.85 4.21 15.65
C PHE C 295 -38.16 3.93 16.38
N LYS C 296 -38.14 3.02 17.35
CA LYS C 296 -39.35 2.58 18.03
C LYS C 296 -39.66 3.39 19.28
N ALA C 297 -38.75 4.26 19.72
CA ALA C 297 -38.94 5.07 20.91
C ALA C 297 -39.57 6.41 20.57
N HIS C 298 -39.76 7.24 21.60
CA HIS C 298 -40.35 8.56 21.45
C HIS C 298 -39.45 9.67 21.97
N MET C 299 -38.14 9.47 21.96
CA MET C 299 -37.24 10.49 22.49
C MET C 299 -37.24 11.73 21.59
N GLY C 300 -36.87 12.85 22.17
CA GLY C 300 -36.87 14.11 21.45
C GLY C 300 -35.78 14.23 20.41
N GLN C 301 -34.59 13.70 20.71
CA GLN C 301 -33.43 13.84 19.84
C GLN C 301 -33.13 12.57 19.05
N LYS C 302 -34.13 11.71 18.85
CA LYS C 302 -33.88 10.46 18.13
C LYS C 302 -33.45 10.74 16.69
N HIS C 303 -34.08 11.69 16.03
CA HIS C 303 -33.80 11.91 14.61
C HIS C 303 -32.35 12.34 14.40
N ARG C 304 -31.84 13.23 15.23
CA ARG C 304 -30.46 13.66 15.07
C ARG C 304 -29.49 12.50 15.26
N ALA C 305 -29.77 11.64 16.24
CA ALA C 305 -28.92 10.47 16.45
C ALA C 305 -28.94 9.55 15.23
N MET C 306 -30.13 9.31 14.67
CA MET C 306 -30.22 8.47 13.48
C MET C 306 -29.42 9.06 12.33
N ARG C 307 -29.53 10.38 12.13
CA ARG C 307 -28.77 11.01 11.06
C ARG C 307 -27.28 10.89 11.31
N VAL C 308 -26.84 11.06 12.56
CA VAL C 308 -25.42 10.95 12.85
C VAL C 308 -24.91 9.55 12.56
N ILE C 309 -25.70 8.53 12.93
CA ILE C 309 -25.28 7.16 12.67
C ILE C 309 -25.18 6.90 11.16
N PHE C 310 -26.17 7.36 10.40
CA PHE C 310 -26.09 7.21 8.95
C PHE C 310 -24.85 7.91 8.41
N ALA C 311 -24.55 9.10 8.92
CA ALA C 311 -23.39 9.84 8.44
C ALA C 311 -22.10 9.08 8.72
N VAL C 312 -21.98 8.52 9.92
CA VAL C 312 -20.76 7.79 10.26
C VAL C 312 -20.59 6.59 9.35
N VAL C 313 -21.65 5.82 9.15
CA VAL C 313 -21.53 4.62 8.32
C VAL C 313 -21.18 5.01 6.88
N LEU C 314 -21.87 6.01 6.33
CA LEU C 314 -21.59 6.40 4.96
C LEU C 314 -20.18 6.95 4.81
N ILE C 315 -19.70 7.72 5.78
CA ILE C 315 -18.35 8.25 5.70
C ILE C 315 -17.34 7.11 5.70
N PHE C 316 -17.51 6.14 6.60
CA PHE C 316 -16.60 5.01 6.61
C PHE C 316 -16.59 4.29 5.27
N LEU C 317 -17.78 4.00 4.73
CA LEU C 317 -17.85 3.29 3.46
C LEU C 317 -17.17 4.09 2.36
N LEU C 318 -17.56 5.35 2.19
CA LEU C 318 -16.97 6.15 1.12
C LEU C 318 -15.47 6.26 1.27
N CYS C 319 -14.97 6.30 2.50
CA CYS C 319 -13.53 6.48 2.70
C CYS C 319 -12.75 5.22 2.38
N TRP C 320 -13.27 4.04 2.73
CA TRP C 320 -12.47 2.82 2.64
C TRP C 320 -12.88 1.87 1.52
N LEU C 321 -14.17 1.72 1.24
CA LEU C 321 -14.60 0.71 0.28
C LEU C 321 -13.92 0.84 -1.09
N PRO C 322 -13.75 2.03 -1.66
CA PRO C 322 -13.14 2.09 -3.00
C PRO C 322 -11.74 1.48 -3.05
N TYR C 323 -10.90 1.80 -2.07
CA TYR C 323 -9.54 1.25 -2.07
C TYR C 323 -9.57 -0.27 -1.96
N ASN C 324 -10.43 -0.80 -1.09
CA ASN C 324 -10.51 -2.25 -0.94
C ASN C 324 -11.01 -2.91 -2.22
N LEU C 325 -12.01 -2.31 -2.88
CA LEU C 325 -12.50 -2.89 -4.12
C LEU C 325 -11.42 -2.90 -5.19
N VAL C 326 -10.68 -1.80 -5.30
CA VAL C 326 -9.62 -1.75 -6.31
C VAL C 326 -8.54 -2.77 -5.99
N LEU C 327 -8.20 -2.93 -4.70
CA LEU C 327 -7.21 -3.92 -4.32
C LEU C 327 -7.68 -5.33 -4.65
N LEU C 328 -8.95 -5.62 -4.40
CA LEU C 328 -9.50 -6.92 -4.78
C LEU C 328 -9.43 -7.13 -6.28
N ALA C 329 -9.74 -6.09 -7.05
CA ALA C 329 -9.63 -6.21 -8.50
C ALA C 329 -8.20 -6.51 -8.91
N ASP C 330 -7.23 -5.86 -8.27
CA ASP C 330 -5.83 -6.13 -8.59
C ASP C 330 -5.47 -7.57 -8.25
N THR C 331 -5.93 -8.06 -7.10
CA THR C 331 -5.65 -9.44 -6.73
C THR C 331 -6.23 -10.41 -7.75
N LEU C 332 -7.48 -10.17 -8.16
CA LEU C 332 -8.09 -11.04 -9.16
C LEU C 332 -7.33 -11.00 -10.47
N MET C 333 -6.90 -9.81 -10.89
CA MET C 333 -6.16 -9.70 -12.14
C MET C 333 -4.85 -10.48 -12.04
N ARG C 334 -4.14 -10.36 -10.93
CA ARG C 334 -2.93 -11.16 -10.73
C ARG C 334 -3.24 -12.65 -10.71
N THR C 335 -4.44 -13.03 -10.29
CA THR C 335 -4.86 -14.42 -10.27
C THR C 335 -5.44 -14.88 -11.60
N GLN C 336 -5.48 -13.99 -12.60
CA GLN C 336 -5.94 -14.28 -13.96
C GLN C 336 -7.45 -14.46 -14.04
N VAL C 337 -8.19 -14.16 -12.96
CA VAL C 337 -9.65 -14.25 -13.04
C VAL C 337 -10.19 -13.27 -14.06
N ILE C 338 -9.68 -12.04 -14.07
CA ILE C 338 -10.02 -11.04 -15.07
C ILE C 338 -8.86 -10.92 -16.04
N GLN C 339 -9.18 -10.69 -17.31
CA GLN C 339 -8.14 -10.59 -18.33
C GLN C 339 -7.17 -9.46 -17.98
N GLU C 340 -5.89 -9.71 -18.22
CA GLU C 340 -4.84 -8.75 -17.89
C GLU C 340 -4.33 -8.10 -19.18
N THR C 341 -4.24 -6.78 -19.16
CA THR C 341 -3.74 -6.02 -20.30
C THR C 341 -3.05 -4.77 -19.80
N CYS C 342 -2.20 -4.19 -20.66
CA CYS C 342 -1.43 -3.01 -20.26
C CYS C 342 -2.35 -1.85 -19.92
N GLU C 343 -3.39 -1.63 -20.72
CA GLU C 343 -4.34 -0.58 -20.42
C GLU C 343 -5.02 -0.81 -19.08
N ARG C 344 -5.41 -2.06 -18.80
CA ARG C 344 -5.98 -2.38 -17.50
C ARG C 344 -4.97 -2.13 -16.39
N ARG C 345 -3.70 -2.46 -16.63
CA ARG C 345 -2.68 -2.23 -15.61
C ARG C 345 -2.58 -0.75 -15.27
N ASN C 346 -2.51 0.10 -16.29
CA ASN C 346 -2.43 1.54 -16.04
C ASN C 346 -3.68 2.05 -15.32
N HIS C 347 -4.86 1.60 -15.77
CA HIS C 347 -6.09 2.04 -15.13
C HIS C 347 -6.11 1.65 -13.66
N ILE C 348 -5.73 0.41 -13.35
CA ILE C 348 -5.77 -0.04 -11.97
C ILE C 348 -4.72 0.68 -11.14
N ASP C 349 -3.55 0.98 -11.70
CA ASP C 349 -2.56 1.74 -10.95
C ASP C 349 -3.09 3.12 -10.60
N ARG C 350 -3.67 3.81 -11.58
CA ARG C 350 -4.24 5.13 -11.31
C ARG C 350 -5.35 5.04 -10.26
N ALA C 351 -6.20 4.02 -10.37
CA ALA C 351 -7.28 3.86 -9.40
C ALA C 351 -6.73 3.62 -8.01
N LEU C 352 -5.69 2.79 -7.89
CA LEU C 352 -5.08 2.56 -6.58
C LEU C 352 -4.57 3.85 -5.98
N ASP C 353 -3.84 4.65 -6.77
CA ASP C 353 -3.29 5.88 -6.23
C ASP C 353 -4.41 6.83 -5.82
N ALA C 354 -5.44 6.98 -6.66
CA ALA C 354 -6.54 7.89 -6.35
C ALA C 354 -7.29 7.45 -5.11
N THR C 355 -7.56 6.15 -4.99
CA THR C 355 -8.29 5.65 -3.82
C THR C 355 -7.46 5.78 -2.56
N GLU C 356 -6.14 5.62 -2.65
CA GLU C 356 -5.31 5.87 -1.48
C GLU C 356 -5.41 7.33 -1.06
N ILE C 357 -5.36 8.25 -2.03
CA ILE C 357 -5.53 9.66 -1.71
C ILE C 357 -6.87 9.89 -1.01
N LEU C 358 -7.94 9.30 -1.55
CA LEU C 358 -9.26 9.50 -0.98
C LEU C 358 -9.35 8.93 0.44
N GLY C 359 -8.82 7.71 0.63
CA GLY C 359 -8.92 7.08 1.93
C GLY C 359 -8.07 7.75 2.99
N ILE C 360 -7.04 8.48 2.58
CA ILE C 360 -6.27 9.25 3.54
C ILE C 360 -7.12 10.31 4.23
N LEU C 361 -8.26 10.70 3.66
CA LEU C 361 -9.11 11.72 4.25
C LEU C 361 -9.68 11.31 5.60
N HIS C 362 -9.64 10.01 5.93
CA HIS C 362 -10.31 9.55 7.15
C HIS C 362 -9.69 10.18 8.38
N SER C 363 -8.35 10.31 8.40
CA SER C 363 -7.70 10.89 9.56
C SER C 363 -8.16 12.32 9.79
N CYS C 364 -8.28 13.10 8.71
CA CYS C 364 -8.73 14.48 8.85
C CYS C 364 -10.20 14.55 9.25
N LEU C 365 -11.03 13.66 8.70
CA LEU C 365 -12.46 13.77 8.91
C LEU C 365 -12.90 13.23 10.27
N ASN C 366 -12.16 12.28 10.85
CA ASN C 366 -12.62 11.65 12.08
C ASN C 366 -12.94 12.65 13.17
N PRO C 367 -12.10 13.63 13.47
CA PRO C 367 -12.43 14.58 14.55
C PRO C 367 -13.79 15.23 14.38
N LEU C 368 -14.17 15.53 13.14
CA LEU C 368 -15.47 16.15 12.90
C LEU C 368 -16.62 15.17 13.09
N ILE C 369 -16.52 13.96 12.52
CA ILE C 369 -17.65 13.06 12.51
C ILE C 369 -17.93 12.50 13.90
N TYR C 370 -16.89 12.09 14.62
CA TYR C 370 -17.09 11.41 15.89
C TYR C 370 -17.12 12.36 17.09
N ALA C 371 -16.23 13.35 17.13
CA ALA C 371 -16.05 14.15 18.32
C ALA C 371 -16.74 15.51 18.25
N PHE C 372 -16.40 16.33 17.27
CA PHE C 372 -16.92 17.70 17.24
C PHE C 372 -18.42 17.76 16.98
N ILE C 373 -19.04 16.66 16.55
CA ILE C 373 -20.47 16.65 16.30
C ILE C 373 -21.21 16.51 17.63
N GLY C 374 -20.45 16.44 18.72
CA GLY C 374 -21.03 16.32 20.05
C GLY C 374 -21.13 17.68 20.73
N GLN C 375 -22.12 17.81 21.60
CA GLN C 375 -22.29 19.06 22.34
C GLN C 375 -21.20 19.24 23.39
N LYS C 376 -20.82 18.15 24.07
CA LYS C 376 -19.88 18.25 25.17
C LYS C 376 -18.52 18.76 24.71
N PHE C 377 -18.00 18.21 23.60
CA PHE C 377 -16.70 18.64 23.12
C PHE C 377 -16.73 20.11 22.71
N ARG C 378 -17.78 20.54 22.03
CA ARG C 378 -17.86 21.94 21.61
C ARG C 378 -17.92 22.86 22.81
N HIS C 379 -18.74 22.52 23.81
CA HIS C 379 -18.82 23.35 25.00
C HIS C 379 -17.46 23.42 25.70
N GLY C 380 -16.79 22.28 25.81
CA GLY C 380 -15.48 22.27 26.45
C GLY C 380 -14.46 23.11 25.70
N LEU C 381 -14.44 23.00 24.37
CA LEU C 381 -13.50 23.79 23.58
C LEU C 381 -13.78 25.27 23.73
N LEU C 382 -15.05 25.65 23.74
CA LEU C 382 -15.39 27.06 23.95
C LEU C 382 -14.92 27.51 25.33
N LYS C 383 -15.08 26.65 26.33
CA LYS C 383 -14.64 27.01 27.68
C LYS C 383 -13.12 27.21 27.74
N ILE C 384 -12.37 26.33 27.08
CA ILE C 384 -10.91 26.34 27.20
C ILE C 384 -10.33 27.63 26.64
N LEU C 385 -11.12 28.39 25.89
CA LEU C 385 -10.62 29.60 25.26
C LEU C 385 -10.37 30.69 26.31
N ALA C 386 -10.79 30.44 27.55
CA ALA C 386 -10.52 31.37 28.64
C ALA C 386 -9.02 31.47 28.91
#